data_8QU4
#
_entry.id   8QU4
#
_cell.length_a   44.450
_cell.length_b   51.400
_cell.length_c   71.910
_cell.angle_alpha   90.000
_cell.angle_beta   90.000
_cell.angle_gamma   90.000
#
_symmetry.space_group_name_H-M   'P 21 21 21'
#
loop_
_entity.id
_entity.type
_entity.pdbx_description
1 polymer 'Nuclear transcription factor Y subunit alpha'
2 polymer 'Nuclear transcription factor Y subunit beta'
3 polymer 'Nuclear transcription factor Y subunit gamma'
4 non-polymer 1,2-ETHANEDIOL
5 non-polymer 2-AMINO-2-HYDROXYMETHYL-PROPANE-1,3-DIOL
6 water water
#
loop_
_entity_poly.entity_id
_entity_poly.type
_entity_poly.pdbx_seq_one_letter_code
_entity_poly.pdbx_strand_id
1 'polypeptide(L)' (ACE)KQ(NLE)HRI(MK8)KRRQAR(NH2) A
2 'polypeptide(L)'
;GPSFREQDIYLPIANVARIMKNAIPQTGKIAKDAKECVQECVSEFISFITSEASERCHQEKRKTINGEDILFAMSTLGFD
SYVEPLKLYLQKFRE
;
B
3 'polypeptide(L)'
;GPMEEIRNLTVKDFRVQELPLARIKKIMKLDEDVKMISAEAPVLFAKAAQIFITELTLRAWIHTEDNKRRTLQRNDIAMA
ITKFDQFDFLIDIVPR
;
C
#
loop_
_chem_comp.id
_chem_comp.type
_chem_comp.name
_chem_comp.formula
ACE non-polymer 'ACETYL GROUP' 'C2 H4 O'
EDO non-polymer 1,2-ETHANEDIOL 'C2 H6 O2'
NH2 non-polymer 'AMINO GROUP' 'H2 N'
TRS non-polymer 2-AMINO-2-HYDROXYMETHYL-PROPANE-1,3-DIOL 'C4 H12 N O3 1'
#
# COMPACT_ATOMS: atom_id res chain seq x y z
C ACE A 1 -1.16 2.03 -17.11
O ACE A 1 -0.36 1.17 -17.49
CH3 ACE A 1 -2.56 2.11 -17.67
N LYS A 2 -0.86 2.94 -16.18
CA LYS A 2 0.44 3.05 -15.52
C LYS A 2 0.78 1.79 -14.72
N GLN A 3 -0.24 1.07 -14.27
CA GLN A 3 -0.01 -0.10 -13.43
C GLN A 3 -0.06 -1.42 -14.20
N NLE A 4 -0.56 -1.39 -15.43
CA NLE A 4 -0.97 -2.62 -16.15
C NLE A 4 0.23 -3.58 -16.25
O NLE A 4 0.06 -4.75 -15.88
CB NLE A 4 -1.52 -2.27 -17.54
CG NLE A 4 -2.01 -3.47 -18.36
CD NLE A 4 -0.96 -4.10 -19.26
CE NLE A 4 -1.50 -5.32 -19.97
N HIS A 5 1.38 -3.10 -16.70
CA HIS A 5 2.48 -4.01 -16.94
C HIS A 5 3.05 -4.61 -15.66
N ARG A 6 3.05 -3.84 -14.56
CA ARG A 6 3.48 -4.41 -13.30
C ARG A 6 2.48 -5.42 -12.76
N ILE A 7 1.19 -5.16 -12.95
CA ILE A 7 0.15 -6.11 -12.56
C ILE A 7 0.34 -7.44 -13.29
C MK8 A 8 2.02 -9.27 -15.03
N MK8 A 8 0.46 -7.36 -14.61
O MK8 A 8 1.96 -10.51 -14.90
CA MK8 A 8 0.75 -8.52 -15.50
CB MK8 A 8 1.02 -7.99 -16.92
CD MK8 A 8 0.20 -6.93 -19.05
CE MK8 A 8 -1.01 -6.54 -19.87
CG MK8 A 8 -0.18 -7.55 -17.74
CB1 MK8 A 8 -0.44 -9.47 -15.51
N LYS A 9 3.10 -8.53 -14.80
CA LYS A 9 4.39 -9.15 -14.47
C LYS A 9 4.30 -9.88 -13.16
N ARG A 10 3.49 -9.34 -12.24
CA ARG A 10 3.26 -10.04 -10.98
C ARG A 10 2.53 -11.35 -11.19
N ARG A 11 1.58 -11.38 -12.14
CA ARG A 11 0.97 -12.64 -12.53
C ARG A 11 1.98 -13.54 -13.25
N GLN A 12 2.83 -12.93 -14.10
CA GLN A 12 3.79 -13.70 -14.88
C GLN A 12 4.86 -14.35 -14.03
N ALA A 13 5.26 -13.69 -12.93
CA ALA A 13 6.31 -14.25 -12.08
C ALA A 13 5.90 -15.57 -11.45
N ARG A 14 4.60 -15.80 -11.29
CA ARG A 14 4.09 -17.04 -10.69
C ARG A 14 4.07 -18.18 -11.71
N NH2 A 15 4.31 -17.85 -12.98
N ILE B 9 2.86 -11.05 7.98
CA ILE B 9 2.44 -10.84 6.60
C ILE B 9 1.49 -9.63 6.48
N TYR B 10 0.83 -9.25 7.57
CA TYR B 10 -0.10 -8.13 7.56
C TYR B 10 0.26 -7.16 8.67
N LEU B 11 -0.01 -5.88 8.42
CA LEU B 11 0.10 -4.86 9.46
C LEU B 11 -0.94 -5.13 10.53
N PRO B 12 -0.68 -4.73 11.79
CA PRO B 12 -1.62 -5.02 12.87
C PRO B 12 -3.00 -4.42 12.61
N ILE B 13 -4.04 -5.24 12.82
CA ILE B 13 -5.40 -4.80 12.52
C ILE B 13 -5.77 -3.56 13.32
N ALA B 14 -5.28 -3.43 14.56
CA ALA B 14 -5.60 -2.25 15.36
C ALA B 14 -5.07 -0.98 14.71
N ASN B 15 -3.87 -1.05 14.12
CA ASN B 15 -3.30 0.12 13.46
C ASN B 15 -4.07 0.43 12.19
N VAL B 16 -4.41 -0.59 11.41
CA VAL B 16 -5.17 -0.38 10.18
C VAL B 16 -6.52 0.24 10.52
N ALA B 17 -7.19 -0.31 11.55
CA ALA B 17 -8.51 0.20 11.95
C ALA B 17 -8.44 1.64 12.41
N ARG B 18 -7.40 2.01 13.16
CA ARG B 18 -7.29 3.39 13.64
C ARG B 18 -7.15 4.37 12.48
N ILE B 19 -6.31 4.04 11.49
CA ILE B 19 -6.15 4.92 10.32
C ILE B 19 -7.47 5.03 9.56
N MET B 20 -8.17 3.91 9.39
CA MET B 20 -9.46 3.86 8.72
C MET B 20 -10.48 4.73 9.44
N LYS B 21 -10.59 4.57 10.76
CA LYS B 21 -11.55 5.34 11.54
C LYS B 21 -11.26 6.84 11.50
N ASN B 22 -9.97 7.21 11.47
CA ASN B 22 -9.60 8.61 11.36
C ASN B 22 -10.02 9.21 10.02
N ALA B 23 -10.24 8.38 9.01
CA ALA B 23 -10.56 8.88 7.68
C ALA B 23 -12.04 9.23 7.53
N ILE B 24 -12.92 8.52 8.23
CA ILE B 24 -14.37 8.65 8.01
C ILE B 24 -15.01 9.49 9.11
N PRO B 25 -16.28 9.90 8.98
CA PRO B 25 -16.91 10.67 10.05
C PRO B 25 -16.93 9.93 11.37
N GLN B 26 -16.94 10.71 12.46
CA GLN B 26 -16.81 10.15 13.80
C GLN B 26 -17.94 9.18 14.13
N THR B 27 -19.11 9.36 13.53
CA THR B 27 -20.26 8.49 13.79
C THR B 27 -20.29 7.28 12.87
N GLY B 28 -19.41 7.21 11.88
CA GLY B 28 -19.40 6.07 11.00
C GLY B 28 -18.81 4.84 11.67
N LYS B 29 -19.16 3.68 11.10
CA LYS B 29 -18.72 2.40 11.60
C LYS B 29 -18.03 1.63 10.49
N ILE B 30 -17.17 0.69 10.88
CA ILE B 30 -16.40 -0.11 9.92
C ILE B 30 -16.55 -1.58 10.29
N ALA B 31 -17.11 -2.37 9.38
CA ALA B 31 -17.29 -3.80 9.60
C ALA B 31 -15.95 -4.50 9.73
N LYS B 32 -15.95 -5.57 10.52
CA LYS B 32 -14.72 -6.32 10.78
C LYS B 32 -14.08 -6.82 9.49
N ASP B 33 -14.89 -7.33 8.57
CA ASP B 33 -14.34 -7.84 7.32
C ASP B 33 -13.87 -6.73 6.40
N ALA B 34 -14.36 -5.50 6.58
CA ALA B 34 -13.80 -4.37 5.83
C ALA B 34 -12.42 -4.01 6.33
N LYS B 35 -12.21 -4.04 7.65
CA LYS B 35 -10.87 -3.81 8.19
C LYS B 35 -9.89 -4.88 7.70
N GLU B 36 -10.33 -6.14 7.70
CA GLU B 36 -9.48 -7.23 7.23
C GLU B 36 -9.18 -7.08 5.74
N CYS B 37 -10.17 -6.64 4.97
CA CYS B 37 -9.95 -6.40 3.54
C CYS B 37 -8.87 -5.35 3.32
N VAL B 38 -8.96 -4.21 4.02
CA VAL B 38 -7.94 -3.18 3.88
C VAL B 38 -6.58 -3.69 4.35
N GLN B 39 -6.55 -4.49 5.42
CA GLN B 39 -5.31 -5.15 5.83
C GLN B 39 -4.66 -5.90 4.66
N GLU B 40 -5.46 -6.70 3.95
CA GLU B 40 -4.92 -7.41 2.79
C GLU B 40 -4.45 -6.44 1.71
N CYS B 41 -5.24 -5.40 1.44
CA CYS B 41 -4.90 -4.47 0.37
C CYS B 41 -3.59 -3.76 0.64
N VAL B 42 -3.32 -3.42 1.90
N VAL B 42 -3.29 -3.44 1.89
CA VAL B 42 -2.08 -2.74 2.27
CA VAL B 42 -2.07 -2.68 2.14
C VAL B 42 -0.88 -3.62 1.93
C VAL B 42 -0.81 -3.56 2.10
N SER B 43 -0.93 -4.88 2.37
CA SER B 43 0.18 -5.78 2.09
C SER B 43 0.39 -5.92 0.60
N GLU B 44 -0.70 -5.98 -0.17
CA GLU B 44 -0.57 -6.03 -1.62
C GLU B 44 0.06 -4.76 -2.17
N PHE B 45 -0.29 -3.61 -1.60
CA PHE B 45 0.33 -2.35 -2.01
C PHE B 45 1.85 -2.39 -1.81
N ILE B 46 2.29 -2.83 -0.63
CA ILE B 46 3.72 -2.91 -0.36
C ILE B 46 4.38 -3.88 -1.36
N SER B 47 3.76 -5.05 -1.56
N SER B 47 3.75 -5.03 -1.59
CA SER B 47 4.32 -6.03 -2.48
CA SER B 47 4.31 -6.04 -2.49
C SER B 47 4.36 -5.50 -3.91
C SER B 47 4.32 -5.56 -3.93
N PHE B 48 3.30 -4.81 -4.34
CA PHE B 48 3.23 -4.29 -5.70
C PHE B 48 4.33 -3.28 -5.99
N ILE B 49 4.48 -2.29 -5.10
CA ILE B 49 5.56 -1.31 -5.24
C ILE B 49 6.92 -1.99 -5.16
N THR B 50 7.09 -2.91 -4.22
CA THR B 50 8.38 -3.59 -4.06
C THR B 50 8.77 -4.33 -5.33
N SER B 51 7.79 -4.97 -5.99
N SER B 51 7.80 -4.95 -6.00
CA SER B 51 8.08 -5.71 -7.21
CA SER B 51 8.12 -5.72 -7.21
C SER B 51 8.64 -4.80 -8.30
C SER B 51 8.62 -4.82 -8.33
N GLU B 52 8.08 -3.61 -8.45
CA GLU B 52 8.59 -2.64 -9.42
C GLU B 52 10.02 -2.23 -9.07
N ALA B 53 10.26 -1.88 -7.80
CA ALA B 53 11.61 -1.49 -7.39
C ALA B 53 12.59 -2.63 -7.53
N SER B 54 12.17 -3.85 -7.19
N SER B 54 12.15 -3.85 -7.20
CA SER B 54 13.09 -4.99 -7.21
CA SER B 54 13.04 -5.00 -7.20
C SER B 54 13.50 -5.37 -8.62
C SER B 54 13.49 -5.36 -8.61
N GLU B 55 12.58 -5.29 -9.59
CA GLU B 55 12.96 -5.59 -10.96
C GLU B 55 13.92 -4.54 -11.49
N ARG B 56 13.71 -3.28 -11.11
N ARG B 56 13.72 -3.28 -11.11
CA ARG B 56 14.63 -2.21 -11.54
CA ARG B 56 14.65 -2.23 -11.49
C ARG B 56 16.02 -2.43 -10.97
C ARG B 56 16.01 -2.43 -10.83
N CYS B 57 16.11 -2.73 -9.66
N CYS B 57 16.02 -2.85 -9.56
CA CYS B 57 17.40 -3.02 -9.06
CA CYS B 57 17.28 -3.12 -8.86
C CYS B 57 18.06 -4.22 -9.73
C CYS B 57 18.02 -4.30 -9.49
N HIS B 58 17.28 -5.24 -10.07
CA HIS B 58 17.86 -6.40 -10.72
C HIS B 58 18.42 -6.05 -12.10
N GLN B 59 17.69 -5.23 -12.85
CA GLN B 59 18.15 -4.79 -14.16
C GLN B 59 19.44 -3.98 -14.05
N GLU B 60 19.58 -3.19 -12.98
CA GLU B 60 20.75 -2.36 -12.77
C GLU B 60 21.86 -3.09 -12.01
N LYS B 61 21.67 -4.38 -11.71
CA LYS B 61 22.68 -5.21 -11.05
C LYS B 61 23.06 -4.66 -9.68
N ARG B 62 22.06 -4.13 -8.97
CA ARG B 62 22.23 -3.61 -7.63
C ARG B 62 21.60 -4.56 -6.63
N LYS B 63 22.20 -4.65 -5.45
CA LYS B 63 21.81 -5.66 -4.48
C LYS B 63 20.88 -5.13 -3.41
N THR B 64 20.72 -3.82 -3.28
CA THR B 64 19.95 -3.23 -2.19
C THR B 64 18.82 -2.37 -2.74
N ILE B 65 17.60 -2.64 -2.28
CA ILE B 65 16.46 -1.76 -2.55
C ILE B 65 16.62 -0.53 -1.67
N ASN B 66 16.89 0.62 -2.27
N ASN B 66 16.84 0.62 -2.29
CA ASN B 66 17.04 1.84 -1.48
CA ASN B 66 17.04 1.88 -1.57
C ASN B 66 15.76 2.66 -1.49
C ASN B 66 15.72 2.62 -1.44
N GLY B 67 15.75 3.71 -0.67
CA GLY B 67 14.58 4.55 -0.56
C GLY B 67 14.19 5.22 -1.87
N GLU B 68 15.20 5.61 -2.66
CA GLU B 68 14.91 6.21 -3.97
C GLU B 68 14.23 5.21 -4.90
N ASP B 69 14.59 3.92 -4.78
CA ASP B 69 13.94 2.90 -5.61
C ASP B 69 12.45 2.79 -5.28
N ILE B 70 12.11 2.85 -3.99
CA ILE B 70 10.70 2.79 -3.59
C ILE B 70 9.95 4.02 -4.07
N LEU B 71 10.52 5.20 -3.85
CA LEU B 71 9.88 6.44 -4.28
C LEU B 71 9.71 6.48 -5.79
N PHE B 72 10.73 6.05 -6.52
CA PHE B 72 10.64 6.06 -7.98
C PHE B 72 9.59 5.08 -8.48
N ALA B 73 9.53 3.90 -7.87
CA ALA B 73 8.48 2.94 -8.21
C ALA B 73 7.10 3.53 -7.96
N MET B 74 6.93 4.26 -6.86
CA MET B 74 5.64 4.88 -6.60
C MET B 74 5.30 5.91 -7.68
N SER B 75 6.27 6.73 -8.05
CA SER B 75 6.06 7.70 -9.13
C SER B 75 5.67 7.01 -10.44
N THR B 76 6.36 5.93 -10.78
CA THR B 76 6.08 5.23 -12.04
C THR B 76 4.67 4.64 -12.07
N LEU B 77 4.18 4.16 -10.93
CA LEU B 77 2.95 3.37 -10.89
C LEU B 77 1.71 4.17 -10.54
N GLY B 78 1.78 5.50 -10.53
CA GLY B 78 0.59 6.29 -10.30
C GLY B 78 0.45 6.85 -8.90
N PHE B 79 1.50 6.75 -8.09
CA PHE B 79 1.51 7.28 -6.72
C PHE B 79 2.51 8.42 -6.57
N ASP B 80 2.68 9.22 -7.63
CA ASP B 80 3.62 10.33 -7.58
C ASP B 80 3.30 11.32 -6.46
N SER B 81 2.00 11.48 -6.13
CA SER B 81 1.62 12.40 -5.06
C SER B 81 2.17 11.98 -3.70
N TYR B 82 2.56 10.71 -3.55
CA TYR B 82 3.11 10.26 -2.27
C TYR B 82 4.55 10.73 -2.07
N VAL B 83 5.26 11.09 -3.15
CA VAL B 83 6.71 11.26 -3.07
C VAL B 83 7.08 12.38 -2.12
N GLU B 84 6.46 13.54 -2.28
CA GLU B 84 6.77 14.68 -1.42
C GLU B 84 6.45 14.42 0.05
N PRO B 85 5.25 13.94 0.44
CA PRO B 85 5.03 13.65 1.86
C PRO B 85 5.95 12.57 2.41
N LEU B 86 6.34 11.59 1.59
CA LEU B 86 7.23 10.55 2.09
C LEU B 86 8.63 11.10 2.36
N LYS B 87 9.12 11.98 1.50
CA LYS B 87 10.42 12.59 1.71
C LYS B 87 10.43 13.43 2.98
N LEU B 88 9.37 14.22 3.21
CA LEU B 88 9.27 15.00 4.43
C LEU B 88 9.22 14.10 5.66
N TYR B 89 8.44 13.02 5.59
CA TYR B 89 8.36 12.10 6.72
C TYR B 89 9.72 11.48 7.02
N LEU B 90 10.41 11.00 5.98
CA LEU B 90 11.70 10.36 6.19
C LEU B 90 12.74 11.36 6.69
N GLN B 91 12.69 12.60 6.21
CA GLN B 91 13.67 13.60 6.64
C GLN B 91 13.46 13.98 8.11
N LYS B 92 12.20 14.14 8.53
CA LYS B 92 11.92 14.38 9.94
C LYS B 92 12.22 13.14 10.76
N PHE B 93 12.11 11.97 10.14
CA PHE B 93 12.41 10.71 10.81
C PHE B 93 13.89 10.65 11.20
N ARG B 94 14.77 10.96 10.26
CA ARG B 94 16.21 10.86 10.48
C ARG B 94 16.83 12.13 11.03
N GLU B 95 16.05 13.19 11.23
CA GLU B 95 16.56 14.41 11.86
C GLU B 95 16.90 14.16 13.32
N ARG C 15 0.60 7.36 15.92
CA ARG C 15 1.62 7.92 15.03
C ARG C 15 2.13 6.88 14.05
N VAL C 16 2.48 7.33 12.83
CA VAL C 16 2.98 6.45 11.78
C VAL C 16 4.21 5.67 12.26
N GLN C 17 5.03 6.29 13.10
CA GLN C 17 6.19 5.62 13.65
C GLN C 17 5.83 4.36 14.45
N GLU C 18 4.57 4.20 14.84
CA GLU C 18 4.17 3.02 15.61
C GLU C 18 4.05 1.77 14.77
N LEU C 19 3.96 1.90 13.44
CA LEU C 19 3.82 0.72 12.60
C LEU C 19 5.10 -0.11 12.64
N PRO C 20 4.98 -1.44 12.75
CA PRO C 20 6.17 -2.27 12.92
C PRO C 20 6.96 -2.39 11.61
N LEU C 21 8.19 -1.90 11.64
CA LEU C 21 9.06 -1.99 10.48
C LEU C 21 9.41 -3.42 10.13
N ALA C 22 9.49 -4.29 11.13
CA ALA C 22 9.85 -5.69 10.86
C ALA C 22 8.80 -6.36 9.98
N ARG C 23 7.53 -6.02 10.20
N ARG C 23 7.53 -6.02 10.18
CA ARG C 23 6.45 -6.58 9.39
CA ARG C 23 6.48 -6.62 9.35
C ARG C 23 6.54 -6.09 7.95
C ARG C 23 6.53 -6.09 7.93
N ILE C 24 6.80 -4.79 7.77
CA ILE C 24 6.93 -4.23 6.43
C ILE C 24 8.11 -4.87 5.71
N LYS C 25 9.24 -5.05 6.40
CA LYS C 25 10.39 -5.71 5.79
C LYS C 25 10.06 -7.15 5.42
N LYS C 26 9.32 -7.86 6.28
CA LYS C 26 8.94 -9.23 5.97
C LYS C 26 8.11 -9.32 4.69
N ILE C 27 7.16 -8.41 4.52
CA ILE C 27 6.37 -8.38 3.28
C ILE C 27 7.28 -8.14 2.09
N MET C 28 8.21 -7.21 2.23
CA MET C 28 9.11 -6.85 1.16
C MET C 28 9.95 -8.06 0.75
N LYS C 29 10.40 -8.83 1.74
CA LYS C 29 11.27 -9.99 1.53
C LYS C 29 10.56 -11.16 0.86
N LEU C 30 9.23 -11.14 0.77
CA LEU C 30 8.53 -12.14 -0.02
C LEU C 30 8.87 -12.05 -1.51
N ASP C 31 9.31 -10.86 -1.95
CA ASP C 31 9.61 -10.66 -3.36
C ASP C 31 10.78 -11.53 -3.79
N GLU C 32 10.62 -12.20 -4.93
CA GLU C 32 11.60 -13.20 -5.34
C GLU C 32 12.94 -12.59 -5.72
N ASP C 33 12.99 -11.32 -6.07
CA ASP C 33 14.23 -10.70 -6.50
C ASP C 33 14.80 -9.73 -5.48
N VAL C 34 14.21 -9.65 -4.30
CA VAL C 34 14.77 -8.80 -3.26
C VAL C 34 15.91 -9.55 -2.60
N LYS C 35 17.06 -8.90 -2.53
CA LYS C 35 18.21 -9.42 -1.79
C LYS C 35 18.38 -8.66 -0.49
N MET C 36 18.80 -7.41 -0.56
CA MET C 36 19.04 -6.61 0.64
C MET C 36 18.13 -5.40 0.55
N ILE C 37 17.71 -4.88 1.70
CA ILE C 37 16.79 -3.75 1.79
C ILE C 37 17.44 -2.66 2.63
N SER C 38 17.38 -1.43 2.14
CA SER C 38 17.91 -0.31 2.89
C SER C 38 17.08 -0.06 4.14
N ALA C 39 17.70 0.61 5.11
CA ALA C 39 17.02 0.95 6.35
C ALA C 39 15.81 1.85 6.11
N GLU C 40 15.88 2.72 5.11
CA GLU C 40 14.83 3.72 4.93
C GLU C 40 13.62 3.19 4.17
N ALA C 41 13.75 2.08 3.45
CA ALA C 41 12.62 1.57 2.67
C ALA C 41 11.40 1.21 3.53
N PRO C 42 11.52 0.44 4.62
CA PRO C 42 10.33 0.20 5.45
C PRO C 42 9.78 1.47 6.07
N VAL C 43 10.62 2.44 6.41
CA VAL C 43 10.15 3.72 6.96
C VAL C 43 9.25 4.43 5.96
N LEU C 44 9.68 4.50 4.70
CA LEU C 44 8.86 5.11 3.67
C LEU C 44 7.54 4.37 3.51
N PHE C 45 7.57 3.05 3.54
CA PHE C 45 6.34 2.28 3.39
C PHE C 45 5.38 2.48 4.54
N ALA C 46 5.88 2.78 5.74
CA ALA C 46 4.97 3.02 6.85
C ALA C 46 4.10 4.24 6.58
N LYS C 47 4.71 5.34 6.14
CA LYS C 47 3.94 6.53 5.84
C LYS C 47 3.07 6.31 4.60
N ALA C 48 3.59 5.61 3.60
CA ALA C 48 2.79 5.32 2.41
C ALA C 48 1.57 4.49 2.77
N ALA C 49 1.72 3.55 3.71
CA ALA C 49 0.59 2.73 4.14
C ALA C 49 -0.51 3.60 4.74
N GLN C 50 -0.14 4.58 5.56
CA GLN C 50 -1.13 5.50 6.12
C GLN C 50 -1.85 6.26 5.03
N ILE C 51 -1.11 6.81 4.07
CA ILE C 51 -1.73 7.58 2.99
C ILE C 51 -2.67 6.68 2.20
N PHE C 52 -2.22 5.47 1.87
CA PHE C 52 -3.00 4.56 1.06
C PHE C 52 -4.28 4.11 1.77
N ILE C 53 -4.17 3.74 3.04
CA ILE C 53 -5.36 3.32 3.79
C ILE C 53 -6.37 4.45 3.84
N THR C 54 -5.91 5.66 4.10
CA THR C 54 -6.81 6.81 4.22
C THR C 54 -7.56 7.06 2.91
N GLU C 55 -6.84 7.06 1.79
CA GLU C 55 -7.49 7.33 0.51
C GLU C 55 -8.42 6.20 0.09
N LEU C 56 -8.00 4.95 0.28
CA LEU C 56 -8.87 3.82 -0.04
C LEU C 56 -10.15 3.85 0.80
N THR C 57 -10.00 4.13 2.10
CA THR C 57 -11.17 4.18 2.98
C THR C 57 -12.13 5.29 2.58
N LEU C 58 -11.61 6.47 2.29
CA LEU C 58 -12.45 7.58 1.88
C LEU C 58 -13.19 7.27 0.58
N ARG C 59 -12.54 6.59 -0.35
CA ARG C 59 -13.18 6.27 -1.62
C ARG C 59 -14.22 5.17 -1.45
N ALA C 60 -13.97 4.20 -0.56
CA ALA C 60 -14.97 3.20 -0.26
C ALA C 60 -16.17 3.82 0.43
N TRP C 61 -15.93 4.80 1.30
CA TRP C 61 -17.01 5.45 2.06
C TRP C 61 -18.00 6.17 1.14
N ILE C 62 -17.57 6.59 -0.05
CA ILE C 62 -18.50 7.13 -1.03
C ILE C 62 -19.62 6.14 -1.30
N HIS C 63 -19.28 4.87 -1.43
CA HIS C 63 -20.27 3.85 -1.74
C HIS C 63 -21.11 3.51 -0.52
N THR C 64 -20.52 3.54 0.68
CA THR C 64 -21.29 3.38 1.90
C THR C 64 -22.43 4.38 1.96
N GLU C 65 -22.11 5.66 1.77
CA GLU C 65 -23.12 6.70 1.88
C GLU C 65 -24.08 6.69 0.70
N ASP C 66 -23.60 6.32 -0.49
CA ASP C 66 -24.48 6.22 -1.65
C ASP C 66 -25.54 5.14 -1.45
N ASN C 67 -25.24 4.12 -0.63
CA ASN C 67 -26.20 3.10 -0.27
C ASN C 67 -26.96 3.42 1.01
N LYS C 68 -26.88 4.65 1.49
CA LYS C 68 -27.61 5.12 2.67
C LYS C 68 -27.27 4.30 3.92
N ARG C 69 -26.03 3.84 4.00
CA ARG C 69 -25.50 3.09 5.13
C ARG C 69 -24.52 3.95 5.91
N ARG C 70 -24.26 3.55 7.16
CA ARG C 70 -23.24 4.18 7.98
C ARG C 70 -22.16 3.19 8.41
N THR C 71 -22.18 1.97 7.89
CA THR C 71 -21.16 0.97 8.17
C THR C 71 -20.43 0.67 6.87
N LEU C 72 -19.12 0.92 6.87
CA LEU C 72 -18.28 0.57 5.73
C LEU C 72 -18.14 -0.93 5.63
N GLN C 73 -18.45 -1.47 4.45
N GLN C 73 -18.46 -1.48 4.46
CA GLN C 73 -18.47 -2.91 4.23
CA GLN C 73 -18.47 -2.91 4.23
C GLN C 73 -17.47 -3.28 3.15
C GLN C 73 -17.42 -3.27 3.19
N ARG C 74 -17.13 -4.58 3.10
CA ARG C 74 -16.12 -5.06 2.18
C ARG C 74 -16.50 -4.77 0.73
N ASN C 75 -17.79 -4.85 0.40
CA ASN C 75 -18.21 -4.55 -0.98
C ASN C 75 -17.98 -3.09 -1.34
N ASP C 76 -17.99 -2.20 -0.35
CA ASP C 76 -17.68 -0.79 -0.62
C ASP C 76 -16.24 -0.63 -1.06
N ILE C 77 -15.33 -1.38 -0.43
CA ILE C 77 -13.93 -1.37 -0.86
C ILE C 77 -13.78 -1.96 -2.24
N ALA C 78 -14.47 -3.07 -2.51
CA ALA C 78 -14.40 -3.69 -3.83
C ALA C 78 -14.89 -2.75 -4.92
N MET C 79 -15.96 -1.99 -4.63
N MET C 79 -15.96 -1.99 -4.62
CA MET C 79 -16.46 -1.02 -5.61
CA MET C 79 -16.47 -1.01 -5.58
C MET C 79 -15.42 0.07 -5.86
C MET C 79 -15.43 0.07 -5.85
N ALA C 80 -14.77 0.56 -4.80
CA ALA C 80 -13.74 1.58 -4.98
C ALA C 80 -12.56 1.04 -5.80
N ILE C 81 -12.20 -0.23 -5.58
CA ILE C 81 -11.11 -0.84 -6.34
C ILE C 81 -11.42 -0.87 -7.84
N THR C 82 -12.63 -1.28 -8.18
CA THR C 82 -12.97 -1.41 -9.60
C THR C 82 -13.09 -0.06 -10.29
N LYS C 83 -13.41 1.00 -9.56
CA LYS C 83 -13.68 2.29 -10.18
C LYS C 83 -12.46 3.17 -10.38
N PHE C 84 -11.42 3.02 -9.56
CA PHE C 84 -10.34 4.00 -9.53
C PHE C 84 -9.01 3.41 -10.02
N ASP C 85 -8.35 4.15 -10.92
CA ASP C 85 -7.13 3.69 -11.59
C ASP C 85 -6.00 3.40 -10.62
N GLN C 86 -5.90 4.20 -9.54
N GLN C 86 -5.90 4.20 -9.54
CA GLN C 86 -4.83 4.00 -8.57
CA GLN C 86 -4.81 3.98 -8.58
C GLN C 86 -4.93 2.65 -7.86
C GLN C 86 -4.93 2.64 -7.87
N PHE C 87 -6.10 2.01 -7.92
CA PHE C 87 -6.33 0.73 -7.28
C PHE C 87 -6.40 -0.42 -8.27
N ASP C 88 -5.99 -0.20 -9.54
CA ASP C 88 -6.00 -1.26 -10.55
C ASP C 88 -5.28 -2.51 -10.04
N PHE C 89 -4.19 -2.33 -9.30
CA PHE C 89 -3.37 -3.45 -8.86
C PHE C 89 -4.09 -4.36 -7.86
N LEU C 90 -5.23 -3.93 -7.32
CA LEU C 90 -6.00 -4.73 -6.38
C LEU C 90 -7.10 -5.55 -7.05
N ILE C 91 -7.17 -5.53 -8.38
CA ILE C 91 -8.31 -6.13 -9.08
C ILE C 91 -8.42 -7.62 -8.80
N ASP C 92 -7.29 -8.32 -8.62
CA ASP C 92 -7.34 -9.75 -8.35
C ASP C 92 -7.80 -10.08 -6.94
N ILE C 93 -7.84 -9.10 -6.04
CA ILE C 93 -8.41 -9.31 -4.71
C ILE C 93 -9.93 -9.38 -4.79
N VAL C 94 -10.52 -8.59 -5.69
CA VAL C 94 -11.98 -8.59 -5.87
C VAL C 94 -12.41 -9.94 -6.43
N PRO C 95 -13.41 -10.61 -5.83
CA PRO C 95 -13.88 -11.93 -6.27
C PRO C 95 -14.45 -11.93 -7.68
C1 EDO D . -9.09 7.11 -10.74
O1 EDO D . -9.38 7.38 -12.11
C2 EDO D . -7.64 7.47 -10.44
O2 EDO D . -7.31 6.95 -9.15
C TRS E . -5.85 -1.86 -16.70
C1 TRS E . -4.82 -2.35 -15.69
C2 TRS E . -7.03 -1.21 -16.00
C3 TRS E . -6.36 -3.04 -17.53
N TRS E . -5.21 -0.90 -17.60
O1 TRS E . -4.10 -1.24 -15.19
O2 TRS E . -8.00 -2.18 -15.69
O3 TRS E . -7.50 -2.68 -18.28
#